data_4X9N
#
_entry.id   4X9N
#
_cell.length_a   111.605
_cell.length_b   111.605
_cell.length_c   111.605
_cell.angle_alpha   90.00
_cell.angle_beta   90.00
_cell.angle_gamma   90.00
#
_symmetry.space_group_name_H-M   'P 2 3'
#
loop_
_entity.id
_entity.type
_entity.pdbx_description
1 polymer 'L-alpha-glycerophosphate oxidase'
2 non-polymer 'FLAVIN-ADENINE DINUCLEOTIDE'
3 non-polymer 'NICKEL (II) ION'
4 water water
#
_entity_poly.entity_id   1
_entity_poly.type   'polypeptide(L)'
_entity_poly.pdbx_seq_one_letter_code
;MGSSHHHHHHSSGLVPRGSHMASMTGGQQMGRGSMETRDVLIVGGGVIGCATAYELSQYKLKVTLVEKHHYLAQETSHAN
SGVIHTGIDPNPHKLTAKYNILGKKLWLNTYFKRLGFPRQKIRTLIVAFNEMEREQLEVLKQRGIANQINLEDIQMLSKE
ETLKLEPYVNPEIVAGLKIEGSWAIDPVLASKCLALAAQQNKVQICTNTEVTNISKQVDGTYLVWTNNETTPSFKVKKII
DAAGHYADYLAHLAKADDFEQTTRRGQYVVVTNQGELHLNSMVFMVPTIHGKGVIVSPMLDGNFLVGPTALDGVDKEATR
YITKDAPCMLTKIGKHMVPSLNINNALISFAGSRPIDKATNDFIIRVAHNDPDFVILGGMKSPGLTAAPAIVREAVRLLN
WKLTKKPNWNGKYNLPWI
;
_entity_poly.pdbx_strand_id   A
#
loop_
_chem_comp.id
_chem_comp.type
_chem_comp.name
_chem_comp.formula
FAD non-polymer 'FLAVIN-ADENINE DINUCLEOTIDE' 'C27 H33 N9 O15 P2'
NI non-polymer 'NICKEL (II) ION' 'Ni 2'
#
# COMPACT_ATOMS: atom_id res chain seq x y z
N MET A 35 -19.29 16.86 -21.29
CA MET A 35 -17.81 16.88 -21.09
C MET A 35 -17.35 17.95 -20.10
N GLU A 36 -16.60 17.51 -19.08
CA GLU A 36 -16.12 18.38 -18.00
C GLU A 36 -14.72 18.88 -18.32
N THR A 37 -14.50 20.20 -18.22
CA THR A 37 -13.13 20.76 -18.22
C THR A 37 -12.62 20.84 -16.79
N ARG A 38 -11.47 20.23 -16.53
CA ARG A 38 -10.88 20.22 -15.18
C ARG A 38 -9.36 20.35 -15.26
N ASP A 39 -8.74 20.71 -14.15
CA ASP A 39 -7.31 20.88 -14.12
C ASP A 39 -6.59 19.52 -14.08
N VAL A 40 -6.96 18.69 -13.12
CA VAL A 40 -6.29 17.39 -12.89
C VAL A 40 -7.34 16.26 -12.89
N LEU A 41 -7.15 15.24 -13.73
CA LEU A 41 -7.86 13.98 -13.56
C LEU A 41 -6.95 12.96 -12.89
N ILE A 42 -7.42 12.37 -11.82
CA ILE A 42 -6.66 11.34 -11.12
C ILE A 42 -7.33 10.07 -11.57
N VAL A 43 -6.54 9.15 -12.10
CA VAL A 43 -7.08 7.90 -12.58
C VAL A 43 -6.67 6.82 -11.63
N GLY A 44 -7.66 6.28 -10.92
CA GLY A 44 -7.45 5.22 -9.97
C GLY A 44 -7.89 5.65 -8.58
N GLY A 45 -8.71 4.83 -7.94
CA GLY A 45 -9.23 5.08 -6.63
C GLY A 45 -8.78 4.13 -5.55
N GLY A 46 -7.56 3.59 -5.69
CA GLY A 46 -6.95 2.89 -4.59
C GLY A 46 -6.41 3.93 -3.60
N VAL A 47 -5.59 3.48 -2.65
CA VAL A 47 -5.07 4.36 -1.65
C VAL A 47 -4.23 5.51 -2.25
N ILE A 48 -3.59 5.29 -3.40
CA ILE A 48 -2.71 6.31 -3.96
C ILE A 48 -3.56 7.38 -4.59
N GLY A 49 -4.57 6.99 -5.33
CA GLY A 49 -5.47 7.97 -5.92
C GLY A 49 -6.19 8.77 -4.86
N CYS A 50 -6.68 8.09 -3.83
CA CYS A 50 -7.38 8.73 -2.75
C CYS A 50 -6.50 9.70 -1.98
N ALA A 51 -5.30 9.30 -1.59
CA ALA A 51 -4.42 10.26 -0.92
C ALA A 51 -4.09 11.48 -1.82
N THR A 52 -3.94 11.24 -3.13
CA THR A 52 -3.69 12.30 -4.09
C THR A 52 -4.85 13.29 -4.12
N ALA A 53 -6.07 12.75 -4.09
CA ALA A 53 -7.26 13.61 -4.10
C ALA A 53 -7.24 14.44 -2.86
N TYR A 54 -7.01 13.80 -1.72
CA TYR A 54 -6.84 14.51 -0.44
C TYR A 54 -5.85 15.66 -0.50
N GLU A 55 -4.66 15.40 -1.01
CA GLU A 55 -3.63 16.41 -0.99
C GLU A 55 -4.00 17.60 -1.87
N LEU A 56 -4.51 17.30 -3.05
CA LEU A 56 -4.91 18.30 -4.01
C LEU A 56 -6.14 19.07 -3.60
N SER A 57 -6.93 18.52 -2.69
CA SER A 57 -8.19 19.18 -2.33
C SER A 57 -7.89 20.46 -1.55
N GLN A 58 -6.68 20.58 -1.03
CA GLN A 58 -6.24 21.80 -0.31
C GLN A 58 -5.88 22.98 -1.22
N TYR A 59 -5.80 22.76 -2.53
CA TYR A 59 -5.58 23.86 -3.48
C TYR A 59 -6.84 24.33 -4.22
N LYS A 60 -6.73 25.57 -4.72
CA LYS A 60 -7.71 26.15 -5.61
C LYS A 60 -7.55 25.50 -7.00
N LEU A 61 -8.25 24.41 -7.26
CA LEU A 61 -8.17 23.68 -8.54
C LEU A 61 -9.43 22.94 -8.78
N LYS A 62 -9.67 22.69 -10.05
CA LYS A 62 -10.69 21.80 -10.49
C LYS A 62 -10.12 20.38 -10.62
N VAL A 63 -10.50 19.50 -9.69
CA VAL A 63 -9.92 18.16 -9.63
C VAL A 63 -10.99 17.06 -9.72
N THR A 64 -10.74 16.01 -10.50
CA THR A 64 -11.67 14.85 -10.53
C THR A 64 -10.89 13.55 -10.41
N LEU A 65 -11.44 12.63 -9.64
CA LEU A 65 -10.82 11.32 -9.53
C LEU A 65 -11.76 10.31 -10.15
N VAL A 66 -11.22 9.43 -10.98
CA VAL A 66 -12.04 8.38 -11.61
C VAL A 66 -11.63 6.95 -11.21
N GLU A 67 -12.61 6.14 -10.82
CA GLU A 67 -12.42 4.71 -10.51
C GLU A 67 -13.38 3.92 -11.33
N LYS A 68 -12.94 2.77 -11.81
CA LYS A 68 -13.74 1.94 -12.66
C LYS A 68 -14.77 1.12 -11.86
N HIS A 69 -14.40 0.66 -10.66
CA HIS A 69 -15.31 -0.08 -9.78
C HIS A 69 -16.41 0.86 -9.23
N HIS A 70 -17.54 0.28 -8.77
CA HIS A 70 -18.61 1.04 -8.13
CA HIS A 70 -18.59 1.06 -8.08
C HIS A 70 -18.07 1.69 -6.80
N TYR A 71 -17.14 1.03 -6.11
CA TYR A 71 -16.57 1.53 -4.85
C TYR A 71 -15.05 1.74 -4.93
N LEU A 72 -14.56 2.60 -4.06
CA LEU A 72 -13.14 2.84 -3.96
C LEU A 72 -12.43 1.75 -3.18
N ALA A 73 -11.13 1.62 -3.44
CA ALA A 73 -10.27 0.67 -2.71
C ALA A 73 -10.69 -0.81 -2.82
N GLN A 74 -11.11 -1.27 -3.99
CA GLN A 74 -11.56 -2.64 -4.19
CA GLN A 74 -11.51 -2.65 -4.11
C GLN A 74 -10.41 -3.54 -4.69
N GLU A 75 -9.23 -2.97 -4.97
CA GLU A 75 -8.15 -3.77 -5.57
C GLU A 75 -6.93 -4.01 -4.69
N THR A 76 -5.74 -3.54 -5.08
CA THR A 76 -4.55 -3.88 -4.30
C THR A 76 -4.66 -3.34 -2.88
N SER A 77 -5.23 -2.17 -2.78
CA SER A 77 -5.40 -1.50 -1.52
C SER A 77 -6.39 -2.20 -0.61
N HIS A 78 -7.19 -3.11 -1.14
CA HIS A 78 -8.09 -3.92 -0.32
C HIS A 78 -7.39 -5.17 0.19
N ALA A 79 -6.33 -5.62 -0.46
CA ALA A 79 -5.75 -6.94 -0.24
C ALA A 79 -4.27 -6.90 0.10
N ASN A 80 -3.97 -6.42 1.30
CA ASN A 80 -2.61 -6.22 1.78
C ASN A 80 -2.67 -6.29 3.26
N SER A 81 -1.53 -6.33 3.93
CA SER A 81 -1.54 -6.57 5.39
C SER A 81 -1.88 -5.33 6.26
N GLY A 82 -1.98 -4.17 5.63
CA GLY A 82 -2.26 -2.92 6.31
C GLY A 82 -1.14 -2.39 7.16
N VAL A 83 0.08 -2.85 6.94
CA VAL A 83 1.15 -2.50 7.84
C VAL A 83 1.80 -1.18 7.47
N ILE A 84 2.03 -0.36 8.48
CA ILE A 84 2.87 0.83 8.35
C ILE A 84 4.29 0.40 8.76
N HIS A 85 5.09 0.02 7.76
CA HIS A 85 6.41 -0.52 8.03
C HIS A 85 7.43 0.50 8.60
N THR A 86 8.32 -0.02 9.43
CA THR A 86 9.39 0.76 10.08
C THR A 86 10.47 1.25 9.13
N GLY A 87 10.75 0.49 8.09
CA GLY A 87 11.81 0.80 7.20
C GLY A 87 12.99 -0.12 7.37
N ILE A 88 12.82 -1.14 8.21
CA ILE A 88 13.87 -2.15 8.39
C ILE A 88 14.09 -3.01 7.13
N ASP A 89 13.05 -3.18 6.33
CA ASP A 89 13.08 -4.09 5.21
C ASP A 89 13.69 -3.56 3.88
N PRO A 90 13.31 -2.36 3.41
CA PRO A 90 13.64 -2.01 2.05
C PRO A 90 15.09 -1.56 1.83
N ASN A 91 15.60 -1.91 0.66
CA ASN A 91 16.92 -1.52 0.27
C ASN A 91 17.08 0.02 0.37
N PRO A 92 18.07 0.49 1.12
CA PRO A 92 18.19 1.93 1.39
C PRO A 92 18.46 2.81 0.20
N HIS A 93 18.77 2.22 -0.96
CA HIS A 93 19.13 2.97 -2.15
C HIS A 93 17.99 3.07 -3.14
N LYS A 94 16.82 2.57 -2.76
CA LYS A 94 15.68 2.53 -3.68
C LYS A 94 14.63 3.55 -3.21
N LEU A 95 13.71 3.90 -4.11
CA LEU A 95 12.63 4.79 -3.77
C LEU A 95 11.68 4.12 -2.77
N THR A 96 11.58 2.79 -2.80
CA THR A 96 10.85 2.11 -1.72
C THR A 96 11.33 2.55 -0.33
N ALA A 97 12.66 2.62 -0.12
CA ALA A 97 13.16 3.01 1.21
C ALA A 97 12.87 4.47 1.44
N LYS A 98 13.22 5.26 0.44
CA LYS A 98 13.11 6.71 0.55
C LYS A 98 11.71 7.18 0.94
N TYR A 99 10.75 6.72 0.16
CA TYR A 99 9.34 7.04 0.42
C TYR A 99 8.72 6.35 1.65
N ASN A 100 9.25 5.19 2.04
CA ASN A 100 8.85 4.54 3.28
C ASN A 100 9.14 5.49 4.43
N ILE A 101 10.36 5.99 4.44
CA ILE A 101 10.83 6.83 5.52
C ILE A 101 9.97 8.07 5.63
N LEU A 102 9.85 8.79 4.54
CA LEU A 102 9.00 9.98 4.47
C LEU A 102 7.52 9.71 4.74
N GLY A 103 6.97 8.64 4.15
CA GLY A 103 5.54 8.37 4.18
C GLY A 103 5.08 8.05 5.57
N LYS A 104 5.79 7.17 6.24
CA LYS A 104 5.50 6.85 7.63
C LYS A 104 5.49 8.07 8.58
N LYS A 105 6.46 8.97 8.42
CA LYS A 105 6.53 10.20 9.19
C LYS A 105 5.24 10.99 8.96
N LEU A 106 4.80 11.05 7.70
CA LEU A 106 3.59 11.80 7.37
C LEU A 106 2.33 11.15 7.91
N TRP A 107 2.29 9.83 7.95
CA TRP A 107 1.14 9.17 8.51
C TRP A 107 1.05 9.46 10.02
N LEU A 108 2.18 9.25 10.73
CA LEU A 108 2.11 9.34 12.19
C LEU A 108 2.00 10.77 12.68
N ASN A 109 2.68 11.69 12.05
CA ASN A 109 2.72 13.07 12.54
C ASN A 109 1.82 14.07 11.86
N THR A 110 1.22 13.69 10.74
CA THR A 110 0.25 14.55 10.11
C THR A 110 -1.09 13.88 9.89
N TYR A 111 -1.10 12.83 9.09
CA TYR A 111 -2.36 12.18 8.69
C TYR A 111 -3.12 11.60 9.89
N PHE A 112 -2.43 10.94 10.82
CA PHE A 112 -3.18 10.36 11.94
C PHE A 112 -3.88 11.42 12.85
N LYS A 113 -3.33 12.65 12.90
CA LYS A 113 -3.84 13.70 13.75
C LYS A 113 -5.10 14.28 13.14
N ARG A 114 -5.25 14.18 11.83
CA ARG A 114 -6.41 14.77 11.18
C ARG A 114 -7.52 13.80 10.80
N LEU A 115 -7.13 12.57 10.49
CA LEU A 115 -8.06 11.64 9.92
C LEU A 115 -8.33 10.48 10.84
N GLY A 116 -9.60 10.23 11.08
CA GLY A 116 -10.00 9.15 11.97
C GLY A 116 -10.36 7.95 11.13
N PHE A 117 -9.74 6.82 11.45
CA PHE A 117 -10.02 5.51 10.83
C PHE A 117 -9.26 4.51 11.69
N PRO A 118 -9.69 3.23 11.70
CA PRO A 118 -9.01 2.23 12.55
C PRO A 118 -7.52 1.97 12.29
N ARG A 119 -6.77 1.83 13.38
CA ARG A 119 -5.36 1.64 13.34
C ARG A 119 -4.92 1.34 14.72
N GLN A 120 -3.77 0.71 14.88
CA GLN A 120 -3.18 0.47 16.21
C GLN A 120 -1.67 0.39 16.13
N LYS A 121 -1.02 0.73 17.21
CA LYS A 121 0.42 0.64 17.23
C LYS A 121 0.82 -0.79 17.63
N ILE A 122 1.63 -1.44 16.81
CA ILE A 122 2.00 -2.80 17.11
C ILE A 122 3.37 -3.08 16.50
N ARG A 123 4.30 -3.51 17.35
CA ARG A 123 5.70 -3.67 16.95
C ARG A 123 5.97 -4.83 16.00
N THR A 124 7.12 -4.77 15.36
CA THR A 124 7.48 -5.75 14.36
C THR A 124 8.46 -6.74 14.96
N LEU A 125 8.30 -8.02 14.64
CA LEU A 125 9.22 -9.06 15.13
C LEU A 125 9.53 -10.04 14.05
N ILE A 126 10.79 -10.07 13.64
CA ILE A 126 11.26 -10.95 12.59
C ILE A 126 12.05 -12.06 13.27
N VAL A 127 11.71 -13.29 12.95
CA VAL A 127 12.31 -14.42 13.61
C VAL A 127 13.22 -15.19 12.66
N ALA A 128 14.29 -15.75 13.23
CA ALA A 128 15.26 -16.56 12.52
C ALA A 128 15.11 -18.03 12.95
N PHE A 129 15.32 -18.95 12.01
CA PHE A 129 15.22 -20.38 12.29
C PHE A 129 16.53 -21.14 12.30
N ASN A 130 17.63 -20.52 11.92
CA ASN A 130 18.93 -21.21 11.89
C ASN A 130 19.98 -20.14 11.84
N GLU A 131 21.25 -20.50 11.62
CA GLU A 131 22.33 -19.51 11.66
C GLU A 131 22.41 -18.68 10.40
N MET A 132 21.93 -19.23 9.30
CA MET A 132 21.92 -18.44 8.10
C MET A 132 20.88 -17.31 8.26
N GLU A 133 19.69 -17.65 8.74
CA GLU A 133 18.65 -16.61 8.93
C GLU A 133 19.07 -15.63 10.01
N ARG A 134 19.82 -16.14 10.97
CA ARG A 134 20.35 -15.29 12.02
C ARG A 134 21.27 -14.18 11.49
N GLU A 135 22.12 -14.46 10.52
CA GLU A 135 23.05 -13.40 10.06
C GLU A 135 22.29 -12.38 9.18
N GLN A 136 21.23 -12.86 8.53
CA GLN A 136 20.25 -11.99 7.86
C GLN A 136 19.60 -10.99 8.80
N LEU A 137 19.44 -11.32 10.09
CA LEU A 137 18.91 -10.35 11.04
C LEU A 137 19.87 -9.20 11.24
N GLU A 138 21.15 -9.52 11.33
CA GLU A 138 22.20 -8.48 11.41
C GLU A 138 22.15 -7.54 10.21
N VAL A 139 21.96 -8.10 9.04
CA VAL A 139 21.86 -7.33 7.82
C VAL A 139 20.67 -6.43 7.86
N LEU A 140 19.53 -6.97 8.25
CA LEU A 140 18.35 -6.13 8.40
C LEU A 140 18.59 -5.02 9.44
N LYS A 141 19.20 -5.38 10.57
CA LYS A 141 19.45 -4.35 11.56
C LYS A 141 20.16 -3.18 10.89
N GLN A 142 21.21 -3.47 10.11
CA GLN A 142 21.98 -2.40 9.50
C GLN A 142 21.17 -1.66 8.49
N ARG A 143 20.28 -2.37 7.85
CA ARG A 143 19.46 -1.74 6.86
C ARG A 143 18.56 -0.70 7.49
N GLY A 144 18.09 -0.99 8.70
CA GLY A 144 17.16 -0.10 9.42
C GLY A 144 17.86 1.17 9.84
N ILE A 145 19.09 1.02 10.29
CA ILE A 145 19.90 2.16 10.63
C ILE A 145 20.25 2.99 9.40
N ALA A 146 20.61 2.33 8.32
CA ALA A 146 20.83 3.08 7.08
C ALA A 146 19.57 3.84 6.69
N ASN A 147 18.38 3.28 6.97
CA ASN A 147 17.09 3.91 6.69
C ASN A 147 16.58 4.79 7.86
N GLN A 148 17.54 5.17 8.70
CA GLN A 148 17.39 6.21 9.71
C GLN A 148 16.59 5.83 10.94
N ILE A 149 16.28 4.55 11.10
CA ILE A 149 15.70 4.07 12.34
C ILE A 149 16.72 4.31 13.48
N ASN A 150 16.23 4.89 14.56
CA ASN A 150 17.00 5.16 15.75
C ASN A 150 17.36 3.88 16.45
N LEU A 151 18.51 3.86 17.11
CA LEU A 151 18.93 2.66 17.84
C LEU A 151 17.96 2.21 18.91
N GLU A 152 17.33 3.15 19.60
CA GLU A 152 16.40 2.79 20.66
C GLU A 152 15.22 1.94 20.12
N ASP A 153 14.89 2.03 18.83
CA ASP A 153 13.78 1.27 18.24
C ASP A 153 14.09 -0.18 17.91
N ILE A 154 15.38 -0.53 17.87
CA ILE A 154 15.85 -1.82 17.36
C ILE A 154 16.44 -2.65 18.50
N GLN A 155 16.15 -3.95 18.53
CA GLN A 155 16.77 -4.80 19.52
C GLN A 155 16.91 -6.22 19.05
N MET A 156 18.14 -6.69 18.86
CA MET A 156 18.42 -8.11 18.62
C MET A 156 18.18 -8.91 19.91
N LEU A 157 17.45 -10.01 19.77
CA LEU A 157 17.02 -10.86 20.87
C LEU A 157 17.47 -12.29 20.69
N SER A 158 17.82 -12.91 21.81
CA SER A 158 18.19 -14.31 21.82
C SER A 158 16.91 -15.12 21.72
N LYS A 159 17.10 -16.42 21.51
CA LYS A 159 16.08 -17.43 21.56
C LYS A 159 15.24 -17.22 22.79
N GLU A 160 15.90 -17.25 23.94
CA GLU A 160 15.21 -17.15 25.22
C GLU A 160 14.43 -15.80 25.32
N GLU A 161 15.06 -14.70 24.90
CA GLU A 161 14.43 -13.38 25.05
C GLU A 161 13.19 -13.23 24.18
N THR A 162 13.22 -13.87 23.01
CA THR A 162 12.14 -13.81 22.05
C THR A 162 10.94 -14.61 22.55
N LEU A 163 11.21 -15.79 23.12
CA LEU A 163 10.11 -16.62 23.64
C LEU A 163 9.54 -16.04 24.94
N LYS A 164 10.34 -15.23 25.62
CA LYS A 164 9.86 -14.40 26.72
C LYS A 164 8.80 -13.50 26.13
N LEU A 165 9.17 -12.69 25.17
CA LEU A 165 8.23 -11.71 24.63
C LEU A 165 6.98 -12.26 23.99
N GLU A 166 7.16 -13.30 23.17
CA GLU A 166 6.05 -13.94 22.48
C GLU A 166 6.11 -15.45 22.68
N PRO A 167 5.49 -15.93 23.79
CA PRO A 167 5.51 -17.34 24.18
C PRO A 167 4.80 -18.31 23.24
N TYR A 168 4.10 -17.81 22.22
CA TYR A 168 3.44 -18.70 21.25
C TYR A 168 4.20 -18.86 19.98
N VAL A 169 5.34 -18.23 19.86
CA VAL A 169 6.19 -18.40 18.68
C VAL A 169 6.84 -19.81 18.69
N ASN A 170 7.21 -20.27 17.50
CA ASN A 170 7.92 -21.52 17.39
C ASN A 170 9.18 -21.58 18.27
N PRO A 171 9.26 -22.57 19.18
CA PRO A 171 10.46 -22.69 20.03
C PRO A 171 11.71 -23.15 19.28
N GLU A 172 11.57 -23.69 18.06
CA GLU A 172 12.72 -23.96 17.17
C GLU A 172 13.44 -22.70 16.62
N ILE A 173 12.91 -21.50 16.87
CA ILE A 173 13.59 -20.29 16.45
C ILE A 173 14.87 -20.15 17.27
N VAL A 174 15.89 -19.55 16.68
CA VAL A 174 17.15 -19.37 17.36
C VAL A 174 17.40 -17.92 17.74
N ALA A 175 16.64 -16.99 17.16
CA ALA A 175 16.88 -15.55 17.40
C ALA A 175 15.72 -14.71 16.89
N GLY A 176 15.63 -13.47 17.34
CA GLY A 176 14.65 -12.55 16.80
C GLY A 176 15.17 -11.12 16.74
N LEU A 177 14.47 -10.29 15.97
CA LEU A 177 14.77 -8.87 15.83
C LEU A 177 13.49 -8.11 16.11
N LYS A 178 13.49 -7.23 17.09
CA LYS A 178 12.27 -6.50 17.44
C LYS A 178 12.46 -5.06 17.04
N ILE A 179 11.49 -4.50 16.32
CA ILE A 179 11.50 -3.10 15.97
C ILE A 179 10.17 -2.44 16.38
N GLU A 180 10.29 -1.41 17.21
CA GLU A 180 9.17 -0.61 17.66
C GLU A 180 8.92 0.51 16.64
N GLY A 181 7.68 0.96 16.52
CA GLY A 181 7.35 2.07 15.67
C GLY A 181 6.32 1.78 14.59
N SER A 182 6.14 0.50 14.25
CA SER A 182 5.16 0.07 13.26
C SER A 182 3.74 0.16 13.81
N TRP A 183 2.80 0.32 12.88
CA TRP A 183 1.39 0.37 13.14
C TRP A 183 0.70 -0.58 12.16
N ALA A 184 -0.56 -0.84 12.40
CA ALA A 184 -1.39 -1.59 11.46
C ALA A 184 -2.66 -0.74 11.29
N ILE A 185 -3.10 -0.55 10.05
CA ILE A 185 -4.30 0.27 9.79
C ILE A 185 -5.25 -0.58 8.94
N ASP A 186 -6.52 -0.18 8.93
CA ASP A 186 -7.46 -0.68 7.93
C ASP A 186 -7.24 0.17 6.70
N PRO A 187 -6.61 -0.41 5.66
CA PRO A 187 -6.26 0.37 4.48
C PRO A 187 -7.47 0.76 3.64
N VAL A 188 -8.51 -0.07 3.75
CA VAL A 188 -9.74 0.20 3.04
C VAL A 188 -10.41 1.42 3.64
N LEU A 189 -10.52 1.48 4.97
CA LEU A 189 -11.19 2.60 5.62
C LEU A 189 -10.38 3.88 5.53
N ALA A 190 -9.07 3.74 5.56
CA ALA A 190 -8.14 4.84 5.33
C ALA A 190 -8.30 5.46 3.93
N SER A 191 -8.34 4.61 2.91
CA SER A 191 -8.48 5.09 1.55
C SER A 191 -9.80 5.81 1.41
N LYS A 192 -10.84 5.33 2.08
CA LYS A 192 -12.17 5.92 1.92
C LYS A 192 -12.30 7.23 2.69
N CYS A 193 -11.78 7.26 3.91
CA CYS A 193 -11.61 8.46 4.68
C CYS A 193 -10.91 9.56 3.88
N LEU A 194 -9.83 9.20 3.20
CA LEU A 194 -9.07 10.17 2.42
C LEU A 194 -9.97 10.72 1.36
N ALA A 195 -10.70 9.85 0.69
CA ALA A 195 -11.54 10.29 -0.41
C ALA A 195 -12.70 11.13 0.10
N LEU A 196 -13.37 10.69 1.17
CA LEU A 196 -14.46 11.47 1.72
C LEU A 196 -13.93 12.84 2.15
N ALA A 197 -12.75 12.89 2.76
CA ALA A 197 -12.09 14.17 3.07
C ALA A 197 -11.94 15.05 1.82
N ALA A 198 -11.31 14.51 0.78
CA ALA A 198 -11.14 15.21 -0.50
C ALA A 198 -12.49 15.72 -1.01
N GLN A 199 -13.51 14.88 -0.95
CA GLN A 199 -14.82 15.21 -1.51
C GLN A 199 -15.47 16.39 -0.78
N GLN A 200 -15.20 16.47 0.51
CA GLN A 200 -15.66 17.54 1.35
C GLN A 200 -15.03 18.89 0.94
N ASN A 201 -13.88 18.84 0.29
CA ASN A 201 -13.22 20.05 -0.14
C ASN A 201 -13.18 20.16 -1.64
N LYS A 202 -14.32 19.80 -2.27
CA LYS A 202 -14.62 20.08 -3.69
C LYS A 202 -13.95 19.22 -4.73
N VAL A 203 -13.30 18.14 -4.34
CA VAL A 203 -12.81 17.19 -5.33
C VAL A 203 -13.96 16.29 -5.82
N GLN A 204 -14.18 16.25 -7.13
CA GLN A 204 -15.20 15.39 -7.76
C GLN A 204 -14.73 13.93 -7.82
N ILE A 205 -15.50 13.02 -7.22
CA ILE A 205 -15.17 11.58 -7.23
C ILE A 205 -16.15 10.79 -8.11
N CYS A 206 -15.71 10.34 -9.29
CA CYS A 206 -16.64 9.62 -10.17
C CYS A 206 -16.31 8.15 -10.18
N THR A 207 -17.17 7.33 -9.60
CA THR A 207 -16.99 5.85 -9.66
C THR A 207 -17.70 5.27 -10.89
N ASN A 208 -17.78 3.94 -11.01
CA ASN A 208 -18.13 3.26 -12.29
C ASN A 208 -17.70 4.01 -13.55
N THR A 209 -16.45 4.47 -13.55
CA THR A 209 -15.93 5.27 -14.64
C THR A 209 -14.53 4.79 -15.07
N GLU A 210 -14.48 3.99 -16.13
CA GLU A 210 -13.23 3.36 -16.56
C GLU A 210 -12.67 4.15 -17.73
N VAL A 211 -11.47 4.72 -17.59
CA VAL A 211 -10.83 5.42 -18.71
C VAL A 211 -10.45 4.42 -19.79
N THR A 212 -11.02 4.58 -20.96
CA THR A 212 -10.81 3.65 -22.06
C THR A 212 -10.02 4.28 -23.19
N ASN A 213 -9.96 5.61 -23.22
CA ASN A 213 -9.04 6.27 -24.13
C ASN A 213 -8.63 7.66 -23.64
N ILE A 214 -7.40 8.02 -24.01
CA ILE A 214 -6.80 9.30 -23.70
C ILE A 214 -6.03 9.78 -24.94
N SER A 215 -6.24 11.03 -25.33
CA SER A 215 -5.48 11.58 -26.42
C SER A 215 -5.16 13.04 -26.15
N LYS A 216 -3.87 13.34 -26.08
CA LYS A 216 -3.37 14.72 -25.89
C LYS A 216 -3.52 15.59 -27.13
N GLN A 217 -3.89 16.85 -26.89
CA GLN A 217 -4.29 17.75 -27.94
C GLN A 217 -3.16 18.65 -28.38
N VAL A 218 -3.35 19.23 -29.57
CA VAL A 218 -2.48 20.29 -30.09
C VAL A 218 -2.32 21.39 -29.05
N ASP A 219 -3.45 21.80 -28.45
CA ASP A 219 -3.43 22.85 -27.41
C ASP A 219 -2.82 22.41 -26.06
N GLY A 220 -2.40 21.13 -25.90
CA GLY A 220 -1.71 20.70 -24.68
C GLY A 220 -2.53 19.97 -23.61
N THR A 221 -3.85 20.06 -23.68
CA THR A 221 -4.78 19.39 -22.78
C THR A 221 -4.99 17.95 -23.23
N TYR A 222 -5.76 17.18 -22.46
CA TYR A 222 -6.09 15.82 -22.86
C TYR A 222 -7.59 15.72 -22.98
N LEU A 223 -8.06 14.94 -23.96
CA LEU A 223 -9.44 14.49 -23.98
C LEU A 223 -9.43 13.08 -23.42
N VAL A 224 -10.44 12.74 -22.62
CA VAL A 224 -10.47 11.41 -21.99
C VAL A 224 -11.83 10.81 -22.26
N TRP A 225 -11.83 9.65 -22.89
CA TRP A 225 -13.04 8.86 -23.06
C TRP A 225 -13.07 7.88 -21.93
N THR A 226 -14.28 7.64 -21.38
CA THR A 226 -14.49 6.65 -20.36
C THR A 226 -15.57 5.69 -20.82
N ASN A 227 -15.44 4.43 -20.38
CA ASN A 227 -16.44 3.39 -20.59
C ASN A 227 -16.76 3.15 -22.06
N ASN A 228 -15.77 3.37 -22.91
CA ASN A 228 -15.90 3.24 -24.38
C ASN A 228 -16.96 4.11 -25.01
N GLU A 229 -17.35 5.17 -24.34
CA GLU A 229 -18.27 6.11 -24.92
C GLU A 229 -17.67 6.72 -26.18
N THR A 230 -18.57 7.22 -27.02
CA THR A 230 -18.22 7.74 -28.33
C THR A 230 -17.48 9.05 -28.16
N THR A 231 -18.08 9.95 -27.37
CA THR A 231 -17.52 11.27 -27.12
C THR A 231 -16.79 11.35 -25.78
N PRO A 232 -15.74 12.18 -25.71
CA PRO A 232 -15.02 12.32 -24.46
C PRO A 232 -15.87 12.88 -23.32
N SER A 233 -15.58 12.44 -22.10
CA SER A 233 -16.22 12.94 -20.87
C SER A 233 -15.38 14.02 -20.18
N PHE A 234 -14.08 14.08 -20.46
CA PHE A 234 -13.20 15.03 -19.76
C PHE A 234 -12.18 15.71 -20.66
N LYS A 235 -11.86 16.95 -20.31
CA LYS A 235 -10.81 17.74 -20.96
C LYS A 235 -9.97 18.31 -19.84
N VAL A 236 -8.74 17.85 -19.72
CA VAL A 236 -7.97 18.15 -18.54
C VAL A 236 -6.59 18.55 -18.91
N LYS A 237 -5.95 19.31 -18.01
CA LYS A 237 -4.59 19.81 -18.26
C LYS A 237 -3.50 18.86 -17.77
N LYS A 238 -3.79 18.10 -16.71
CA LYS A 238 -2.85 17.12 -16.15
C LYS A 238 -3.53 15.77 -15.89
N ILE A 239 -2.78 14.67 -16.02
CA ILE A 239 -3.30 13.38 -15.62
C ILE A 239 -2.37 12.82 -14.60
N ILE A 240 -2.92 12.32 -13.51
CA ILE A 240 -2.13 11.64 -12.49
C ILE A 240 -2.51 10.19 -12.54
N ASP A 241 -1.55 9.37 -12.94
CA ASP A 241 -1.79 7.98 -13.27
C ASP A 241 -1.52 7.15 -12.03
N ALA A 242 -2.62 6.76 -11.37
CA ALA A 242 -2.57 5.93 -10.16
C ALA A 242 -3.34 4.62 -10.34
N ALA A 243 -3.14 3.95 -11.44
CA ALA A 243 -4.11 2.90 -11.79
C ALA A 243 -3.67 1.52 -11.39
N GLY A 244 -2.64 1.43 -10.52
CA GLY A 244 -2.26 0.15 -9.93
C GLY A 244 -1.73 -0.81 -10.99
N HIS A 245 -2.45 -1.91 -11.21
CA HIS A 245 -2.01 -2.91 -12.17
C HIS A 245 -2.18 -2.46 -13.62
N TYR A 246 -2.96 -1.40 -13.83
CA TYR A 246 -3.13 -0.84 -15.16
C TYR A 246 -2.40 0.47 -15.34
N ALA A 247 -1.56 0.85 -14.39
CA ALA A 247 -0.75 2.06 -14.53
C ALA A 247 0.15 2.09 -15.79
N ASP A 248 0.66 0.93 -16.20
CA ASP A 248 1.38 0.80 -17.47
C ASP A 248 0.40 0.93 -18.64
N TYR A 249 -0.66 0.11 -18.62
CA TYR A 249 -1.67 0.19 -19.67
C TYR A 249 -1.98 1.63 -19.95
N LEU A 250 -2.24 2.40 -18.91
CA LEU A 250 -2.69 3.77 -19.07
C LEU A 250 -1.68 4.67 -19.73
N ALA A 251 -0.40 4.53 -19.37
CA ALA A 251 0.66 5.32 -20.01
C ALA A 251 0.81 4.94 -21.49
N HIS A 252 0.78 3.65 -21.79
CA HIS A 252 0.81 3.20 -23.18
C HIS A 252 -0.38 3.75 -23.97
N LEU A 253 -1.51 3.93 -23.30
CA LEU A 253 -2.75 4.37 -23.94
C LEU A 253 -2.73 5.83 -24.28
N ALA A 254 -1.93 6.61 -23.55
CA ALA A 254 -1.71 8.02 -23.85
C ALA A 254 -0.44 8.22 -24.64
N LYS A 255 0.19 7.12 -25.03
CA LYS A 255 1.45 7.16 -25.78
C LYS A 255 2.49 7.99 -25.02
N ALA A 256 2.54 7.83 -23.70
CA ALA A 256 3.36 8.70 -22.83
C ALA A 256 4.69 8.09 -22.35
N ASP A 257 4.66 6.79 -22.03
CA ASP A 257 5.80 6.06 -21.45
C ASP A 257 5.58 4.62 -21.81
N ASP A 258 6.63 3.80 -21.87
CA ASP A 258 6.43 2.38 -22.23
C ASP A 258 6.90 1.36 -21.17
N PHE A 259 6.91 1.78 -19.90
CA PHE A 259 7.26 0.87 -18.82
C PHE A 259 6.17 -0.19 -18.70
N GLU A 260 6.57 -1.35 -18.23
CA GLU A 260 5.68 -2.48 -18.08
C GLU A 260 5.81 -3.00 -16.64
N GLN A 261 4.70 -3.49 -16.12
CA GLN A 261 4.69 -4.09 -14.81
C GLN A 261 4.50 -5.58 -14.93
N THR A 262 5.10 -6.31 -14.01
CA THR A 262 4.78 -7.71 -13.84
C THR A 262 4.00 -7.77 -12.53
N THR A 263 3.69 -8.98 -12.07
CA THR A 263 2.90 -9.20 -10.87
C THR A 263 3.47 -10.23 -9.94
N ARG A 264 3.02 -10.17 -8.69
CA ARG A 264 3.23 -11.23 -7.68
C ARG A 264 1.96 -11.38 -6.85
N ARG A 265 1.25 -12.49 -7.01
CA ARG A 265 -0.03 -12.65 -6.32
C ARG A 265 0.19 -13.32 -4.97
N GLY A 266 -0.52 -12.83 -3.95
CA GLY A 266 -0.34 -13.30 -2.58
C GLY A 266 -1.72 -13.54 -1.99
N GLN A 267 -1.98 -14.79 -1.63
CA GLN A 267 -3.18 -15.15 -0.94
C GLN A 267 -2.97 -15.29 0.57
N TYR A 268 -3.94 -14.85 1.36
CA TYR A 268 -3.90 -14.92 2.80
C TYR A 268 -5.05 -15.79 3.34
N VAL A 269 -4.99 -16.11 4.63
CA VAL A 269 -6.18 -16.60 5.33
C VAL A 269 -6.27 -15.90 6.71
N VAL A 270 -7.50 -15.63 7.10
CA VAL A 270 -7.83 -15.06 8.40
C VAL A 270 -8.40 -16.16 9.25
N VAL A 271 -7.88 -16.34 10.47
CA VAL A 271 -8.33 -17.41 11.31
C VAL A 271 -8.79 -16.83 12.62
N THR A 272 -9.62 -17.58 13.33
CA THR A 272 -10.21 -17.10 14.58
C THR A 272 -10.26 -18.20 15.64
N ASN A 273 -10.83 -17.85 16.79
CA ASN A 273 -11.00 -18.75 17.92
C ASN A 273 -9.77 -19.59 18.17
N GLN A 274 -8.67 -18.93 18.52
CA GLN A 274 -7.39 -19.64 18.67
C GLN A 274 -7.11 -19.90 20.13
N GLY A 275 -8.12 -19.72 20.97
CA GLY A 275 -8.03 -20.04 22.40
C GLY A 275 -7.21 -19.07 23.21
N GLU A 276 -6.14 -19.59 23.79
CA GLU A 276 -5.30 -18.82 24.71
C GLU A 276 -4.27 -18.01 23.94
N LEU A 277 -3.98 -18.44 22.72
CA LEU A 277 -3.09 -17.72 21.82
C LEU A 277 -3.20 -16.19 21.92
N HIS A 278 -2.08 -15.53 22.22
CA HIS A 278 -2.00 -14.07 22.15
CA HIS A 278 -2.01 -14.08 22.13
C HIS A 278 -0.74 -13.67 21.40
N LEU A 279 -0.78 -12.54 20.71
CA LEU A 279 0.41 -12.00 20.08
C LEU A 279 0.47 -10.55 20.38
N ASN A 280 1.61 -10.08 20.86
CA ASN A 280 1.81 -8.63 21.03
C ASN A 280 2.82 -8.09 20.03
N SER A 281 2.93 -8.77 18.88
CA SER A 281 3.82 -8.38 17.79
C SER A 281 3.27 -8.80 16.47
N MET A 282 3.70 -8.18 15.39
CA MET A 282 3.55 -8.78 14.06
C MET A 282 4.75 -9.65 13.81
N VAL A 283 4.51 -10.92 13.57
CA VAL A 283 5.60 -11.87 13.41
C VAL A 283 5.87 -12.09 11.94
N PHE A 284 7.12 -11.98 11.53
CA PHE A 284 7.54 -12.06 10.14
C PHE A 284 8.68 -13.06 9.95
N MET A 285 8.67 -13.74 8.81
CA MET A 285 9.82 -14.51 8.34
C MET A 285 10.86 -13.55 7.87
N VAL A 286 12.12 -14.00 7.77
CA VAL A 286 13.17 -13.18 7.21
C VAL A 286 12.85 -12.97 5.71
N PRO A 287 12.69 -11.69 5.29
CA PRO A 287 12.15 -11.45 3.96
C PRO A 287 13.14 -11.67 2.87
N THR A 288 14.37 -11.38 3.22
CA THR A 288 15.51 -11.73 2.41
C THR A 288 15.53 -13.19 1.89
N ILE A 289 14.92 -14.10 2.65
CA ILE A 289 14.85 -15.53 2.33
C ILE A 289 13.47 -16.03 1.90
N HIS A 290 12.42 -15.49 2.51
CA HIS A 290 11.06 -15.99 2.35
C HIS A 290 10.11 -15.01 1.58
N GLY A 291 10.66 -13.85 1.22
CA GLY A 291 9.89 -12.81 0.51
C GLY A 291 9.38 -11.79 1.49
N LYS A 292 8.86 -10.70 0.97
CA LYS A 292 8.37 -9.61 1.82
C LYS A 292 7.06 -9.94 2.47
N GLY A 293 6.91 -9.46 3.70
CA GLY A 293 5.63 -9.42 4.39
C GLY A 293 4.97 -10.75 4.73
N VAL A 294 5.78 -11.78 4.95
CA VAL A 294 5.27 -13.11 5.26
C VAL A 294 5.02 -13.21 6.75
N ILE A 295 3.75 -13.17 7.15
CA ILE A 295 3.43 -13.00 8.56
C ILE A 295 2.29 -13.75 9.17
N VAL A 296 2.32 -13.70 10.50
CA VAL A 296 1.17 -13.96 11.34
C VAL A 296 1.01 -12.71 12.17
N SER A 297 -0.12 -12.03 12.02
CA SER A 297 -0.39 -10.83 12.78
C SER A 297 -1.71 -10.87 13.48
N PRO A 298 -1.76 -10.34 14.72
CA PRO A 298 -3.08 -10.11 15.35
C PRO A 298 -3.75 -8.95 14.66
N MET A 299 -5.05 -9.03 14.42
CA MET A 299 -5.70 -8.07 13.57
C MET A 299 -6.51 -7.14 14.46
N LEU A 300 -6.85 -5.98 13.88
CA LEU A 300 -7.67 -4.98 14.56
C LEU A 300 -8.96 -5.56 15.10
N ASP A 301 -9.57 -6.49 14.33
CA ASP A 301 -10.82 -7.14 14.71
C ASP A 301 -10.64 -8.35 15.60
N GLY A 302 -9.44 -8.57 16.13
CA GLY A 302 -9.23 -9.65 17.09
C GLY A 302 -8.82 -11.00 16.52
N ASN A 303 -8.96 -11.17 15.19
CA ASN A 303 -8.52 -12.37 14.48
C ASN A 303 -7.01 -12.35 14.08
N PHE A 304 -6.55 -13.42 13.43
CA PHE A 304 -5.16 -13.55 13.05
C PHE A 304 -5.05 -13.62 11.57
N LEU A 305 -4.18 -12.77 11.02
CA LEU A 305 -3.89 -12.78 9.60
C LEU A 305 -2.63 -13.63 9.35
N VAL A 306 -2.74 -14.56 8.40
CA VAL A 306 -1.66 -15.50 8.04
C VAL A 306 -1.41 -15.44 6.55
N GLY A 307 -0.14 -15.35 6.17
CA GLY A 307 0.24 -15.26 4.76
C GLY A 307 1.21 -14.11 4.43
N PRO A 308 1.49 -13.89 3.15
CA PRO A 308 0.84 -14.57 2.05
C PRO A 308 1.71 -15.58 1.35
N THR A 309 1.05 -16.37 0.50
CA THR A 309 1.73 -17.09 -0.57
C THR A 309 2.36 -16.12 -1.57
N ALA A 310 3.02 -16.67 -2.56
CA ALA A 310 3.75 -15.88 -3.53
C ALA A 310 3.66 -16.62 -4.86
N LEU A 311 3.10 -16.00 -5.89
CA LEU A 311 3.10 -16.55 -7.27
C LEU A 311 3.34 -15.42 -8.27
N ASP A 312 4.43 -15.51 -9.05
CA ASP A 312 4.79 -14.46 -10.01
C ASP A 312 4.07 -14.60 -11.34
N GLY A 313 3.72 -13.47 -11.93
CA GLY A 313 3.38 -13.41 -13.33
C GLY A 313 1.97 -13.70 -13.73
N VAL A 314 1.05 -13.61 -12.77
CA VAL A 314 -0.38 -13.78 -13.09
C VAL A 314 -0.86 -12.64 -13.95
N ASP A 315 -1.96 -12.88 -14.69
CA ASP A 315 -2.55 -11.85 -15.54
C ASP A 315 -3.06 -10.71 -14.64
N LYS A 316 -3.17 -9.53 -15.21
CA LYS A 316 -3.63 -8.38 -14.50
C LYS A 316 -5.05 -8.59 -13.98
N GLU A 317 -5.85 -9.26 -14.79
CA GLU A 317 -7.25 -9.53 -14.53
C GLU A 317 -7.38 -10.52 -13.37
N ALA A 318 -6.29 -11.23 -13.06
CA ALA A 318 -6.32 -12.36 -12.12
C ALA A 318 -5.56 -12.04 -10.86
N THR A 319 -5.19 -10.78 -10.70
CA THR A 319 -4.39 -10.36 -9.56
C THR A 319 -5.00 -10.61 -8.20
N ARG A 320 -6.32 -10.79 -8.14
CA ARG A 320 -6.99 -10.98 -6.85
C ARG A 320 -7.65 -12.32 -6.71
N TYR A 321 -7.34 -13.25 -7.61
CA TYR A 321 -8.04 -14.54 -7.61
C TYR A 321 -7.47 -15.40 -6.50
N ILE A 322 -8.32 -15.97 -5.69
CA ILE A 322 -7.85 -16.97 -4.73
C ILE A 322 -7.89 -18.35 -5.38
N THR A 323 -7.14 -19.32 -4.88
CA THR A 323 -7.11 -20.67 -5.46
C THR A 323 -7.27 -21.70 -4.37
N LYS A 324 -7.49 -22.94 -4.77
CA LYS A 324 -7.62 -24.02 -3.80
C LYS A 324 -6.25 -24.58 -3.40
N ASP A 325 -5.27 -24.43 -4.28
CA ASP A 325 -3.86 -24.72 -3.95
C ASP A 325 -3.30 -24.07 -2.65
N ALA A 326 -3.57 -22.78 -2.47
CA ALA A 326 -2.88 -21.94 -1.48
C ALA A 326 -3.03 -22.30 -0.01
N PRO A 327 -4.24 -22.66 0.43
CA PRO A 327 -4.45 -23.11 1.80
C PRO A 327 -3.32 -23.98 2.36
N CYS A 328 -2.89 -24.97 1.60
CA CYS A 328 -1.87 -25.92 2.00
C CYS A 328 -0.52 -25.25 2.32
N MET A 329 -0.09 -24.41 1.37
N MET A 329 -0.04 -24.39 1.43
CA MET A 329 1.06 -23.50 1.52
CA MET A 329 1.17 -23.59 1.72
C MET A 329 0.92 -22.63 2.79
C MET A 329 0.92 -22.65 2.89
N LEU A 330 -0.29 -22.10 3.01
CA LEU A 330 -0.56 -21.19 4.14
C LEU A 330 -0.50 -21.89 5.47
N THR A 331 -0.95 -23.14 5.47
CA THR A 331 -0.85 -23.97 6.65
C THR A 331 0.61 -24.17 7.05
N LYS A 332 1.50 -24.41 6.09
CA LYS A 332 2.95 -24.59 6.37
C LYS A 332 3.52 -23.30 6.91
N ILE A 333 3.19 -22.18 6.28
CA ILE A 333 3.72 -20.89 6.70
C ILE A 333 3.31 -20.49 8.11
N GLY A 334 2.03 -20.56 8.39
CA GLY A 334 1.53 -20.13 9.70
C GLY A 334 2.01 -21.02 10.82
N LYS A 335 1.96 -22.33 10.64
CA LYS A 335 2.30 -23.25 11.73
C LYS A 335 3.82 -23.31 11.93
N HIS A 336 4.59 -22.93 10.92
CA HIS A 336 6.01 -22.78 11.10
C HIS A 336 6.33 -21.67 12.09
N MET A 337 5.57 -20.58 12.06
CA MET A 337 5.82 -19.42 12.93
C MET A 337 5.12 -19.52 14.31
N VAL A 338 3.86 -19.95 14.29
CA VAL A 338 3.07 -20.10 15.49
C VAL A 338 2.49 -21.51 15.44
N PRO A 339 3.17 -22.49 16.04
CA PRO A 339 2.75 -23.88 15.86
C PRO A 339 1.38 -24.24 16.41
N SER A 340 0.95 -23.54 17.47
CA SER A 340 -0.36 -23.79 18.09
C SER A 340 -1.52 -23.26 17.26
N LEU A 341 -1.23 -22.66 16.12
CA LEU A 341 -2.24 -22.06 15.27
C LEU A 341 -3.13 -23.11 14.64
N ASN A 342 -4.44 -22.95 14.75
CA ASN A 342 -5.38 -23.83 14.09
C ASN A 342 -6.01 -23.17 12.89
N ILE A 343 -5.51 -23.57 11.73
CA ILE A 343 -5.90 -22.97 10.47
C ILE A 343 -7.24 -23.44 9.98
N ASN A 344 -7.76 -24.55 10.50
CA ASN A 344 -9.10 -24.96 10.11
C ASN A 344 -10.15 -23.95 10.57
N ASN A 345 -9.79 -23.13 11.55
CA ASN A 345 -10.69 -22.09 12.03
C ASN A 345 -10.60 -20.87 11.13
N ALA A 346 -10.84 -21.06 9.85
CA ALA A 346 -10.67 -20.02 8.87
C ALA A 346 -12.00 -19.29 8.60
N LEU A 347 -11.91 -17.97 8.49
CA LEU A 347 -13.07 -17.12 8.23
C LEU A 347 -13.12 -16.75 6.75
N ILE A 348 -12.02 -16.27 6.22
CA ILE A 348 -11.94 -15.88 4.83
C ILE A 348 -10.58 -16.16 4.19
N SER A 349 -10.59 -16.20 2.87
CA SER A 349 -9.40 -16.21 2.09
C SER A 349 -9.57 -15.11 1.07
N PHE A 350 -8.51 -14.30 0.89
CA PHE A 350 -8.47 -13.30 -0.18
C PHE A 350 -7.08 -13.17 -0.73
N ALA A 351 -6.95 -12.44 -1.82
CA ALA A 351 -5.63 -12.32 -2.40
C ALA A 351 -5.47 -11.00 -3.08
N GLY A 352 -4.22 -10.56 -3.16
CA GLY A 352 -3.86 -9.38 -3.94
C GLY A 352 -2.51 -9.51 -4.57
N SER A 353 -2.17 -8.60 -5.46
CA SER A 353 -0.88 -8.69 -6.15
C SER A 353 -0.11 -7.38 -6.11
N ARG A 354 1.19 -7.51 -5.90
CA ARG A 354 2.12 -6.40 -6.03
C ARG A 354 2.28 -6.09 -7.50
N PRO A 355 2.10 -4.82 -7.90
CA PRO A 355 2.49 -4.38 -9.23
C PRO A 355 3.96 -4.01 -9.21
N ILE A 356 4.72 -4.66 -10.08
CA ILE A 356 6.17 -4.59 -10.02
C ILE A 356 6.77 -4.07 -11.32
N ASP A 357 7.37 -2.89 -11.25
CA ASP A 357 8.10 -2.40 -12.42
C ASP A 357 9.16 -3.39 -12.93
N LYS A 358 9.04 -3.82 -14.19
CA LYS A 358 9.98 -4.78 -14.76
C LYS A 358 11.36 -4.20 -14.82
N ALA A 359 11.46 -2.95 -15.22
CA ALA A 359 12.77 -2.32 -15.41
C ALA A 359 13.54 -2.21 -14.09
N THR A 360 12.92 -1.66 -13.05
CA THR A 360 13.65 -1.26 -11.83
C THR A 360 13.29 -2.03 -10.55
N ASN A 361 12.27 -2.86 -10.62
CA ASN A 361 11.77 -3.49 -9.44
C ASN A 361 11.66 -2.44 -8.32
N ASP A 362 11.25 -1.22 -8.68
CA ASP A 362 11.08 -0.13 -7.70
C ASP A 362 9.81 0.67 -8.00
N PHE A 363 9.50 1.60 -7.11
CA PHE A 363 8.39 2.54 -7.30
C PHE A 363 8.69 3.44 -8.53
N ILE A 364 7.68 3.74 -9.33
CA ILE A 364 7.75 4.79 -10.32
C ILE A 364 6.99 6.04 -9.85
N ILE A 365 7.69 7.15 -9.70
CA ILE A 365 7.12 8.40 -9.17
C ILE A 365 7.80 9.52 -9.93
N ARG A 366 7.27 9.79 -11.11
CA ARG A 366 7.90 10.72 -11.99
C ARG A 366 6.92 11.06 -13.08
N VAL A 367 7.18 12.13 -13.81
CA VAL A 367 6.44 12.35 -15.03
C VAL A 367 6.88 11.29 -16.04
N ALA A 368 6.01 11.01 -17.00
CA ALA A 368 6.28 10.08 -18.07
C ALA A 368 7.43 10.59 -18.87
N HIS A 369 8.21 9.67 -19.43
CA HIS A 369 9.41 10.05 -20.20
C HIS A 369 9.10 10.81 -21.47
N ASN A 370 7.87 10.69 -21.96
CA ASN A 370 7.49 11.31 -23.21
C ASN A 370 6.23 12.18 -23.15
N ASP A 371 5.99 12.77 -21.99
CA ASP A 371 4.85 13.65 -21.76
C ASP A 371 4.94 14.20 -20.32
N PRO A 372 5.30 15.47 -20.17
CA PRO A 372 5.56 16.03 -18.87
C PRO A 372 4.31 16.46 -18.14
N ASP A 373 3.16 16.33 -18.79
CA ASP A 373 1.88 16.59 -18.14
C ASP A 373 1.17 15.33 -17.64
N PHE A 374 1.83 14.16 -17.72
CA PHE A 374 1.24 12.90 -17.30
C PHE A 374 2.11 12.35 -16.17
N VAL A 375 1.61 12.41 -14.93
CA VAL A 375 2.40 11.99 -13.77
C VAL A 375 2.10 10.53 -13.46
N ILE A 376 3.16 9.76 -13.25
CA ILE A 376 3.02 8.32 -13.10
C ILE A 376 3.33 7.93 -11.67
N LEU A 377 2.31 7.36 -11.01
CA LEU A 377 2.51 6.71 -9.72
C LEU A 377 2.25 5.24 -9.94
N GLY A 378 3.30 4.52 -10.38
CA GLY A 378 3.19 3.11 -10.74
C GLY A 378 4.18 2.18 -10.02
N GLY A 379 4.15 0.89 -10.37
CA GLY A 379 4.95 -0.09 -9.63
C GLY A 379 4.74 -0.08 -8.12
N MET A 380 3.51 0.22 -7.70
CA MET A 380 3.17 0.50 -6.33
C MET A 380 3.04 -0.79 -5.51
N LYS A 381 4.18 -1.41 -5.28
CA LYS A 381 4.24 -2.62 -4.51
C LYS A 381 4.40 -2.24 -3.04
N SER A 382 4.73 -3.23 -2.22
CA SER A 382 5.04 -2.98 -0.83
C SER A 382 6.35 -2.15 -0.86
N PRO A 383 6.45 -1.06 -0.10
CA PRO A 383 5.46 -0.61 0.91
C PRO A 383 4.73 0.67 0.46
N GLY A 384 4.01 0.59 -0.64
CA GLY A 384 3.20 1.69 -1.15
C GLY A 384 2.21 2.32 -0.17
N LEU A 385 1.58 1.51 0.70
CA LEU A 385 0.65 2.00 1.70
C LEU A 385 1.39 2.93 2.68
N THR A 386 2.42 2.41 3.34
CA THR A 386 3.25 3.18 4.26
C THR A 386 3.77 4.46 3.60
N ALA A 387 4.14 4.35 2.32
CA ALA A 387 4.73 5.45 1.56
C ALA A 387 3.76 6.44 0.94
N ALA A 388 2.49 6.09 0.92
CA ALA A 388 1.52 6.81 0.14
C ALA A 388 1.56 8.32 0.31
N PRO A 389 1.56 8.81 1.55
CA PRO A 389 1.48 10.27 1.72
C PRO A 389 2.61 11.05 1.10
N ALA A 390 3.80 10.48 1.12
CA ALA A 390 5.00 11.08 0.53
C ALA A 390 4.96 10.89 -0.99
N ILE A 391 4.49 9.73 -1.42
CA ILE A 391 4.35 9.52 -2.84
C ILE A 391 3.49 10.59 -3.46
N VAL A 392 2.32 10.80 -2.88
CA VAL A 392 1.35 11.73 -3.45
C VAL A 392 1.71 13.20 -3.30
N ARG A 393 2.47 13.55 -2.29
CA ARG A 393 2.95 14.92 -2.19
C ARG A 393 3.95 15.22 -3.29
N GLU A 394 4.79 14.23 -3.60
CA GLU A 394 5.65 14.33 -4.76
C GLU A 394 4.84 14.39 -6.02
N ALA A 395 3.71 13.70 -6.08
CA ALA A 395 2.86 13.76 -7.28
C ALA A 395 2.44 15.19 -7.54
N VAL A 396 2.05 15.85 -6.47
CA VAL A 396 1.57 17.20 -6.55
C VAL A 396 2.63 18.13 -7.07
N ARG A 397 3.84 18.06 -6.51
CA ARG A 397 4.98 18.87 -6.99
C ARG A 397 5.32 18.61 -8.43
N LEU A 398 5.09 17.37 -8.88
CA LEU A 398 5.46 16.98 -10.23
C LEU A 398 4.51 17.57 -11.29
N LEU A 399 3.38 18.11 -10.85
CA LEU A 399 2.48 18.82 -11.76
C LEU A 399 3.16 20.08 -12.22
N ASN A 400 4.05 20.58 -11.38
CA ASN A 400 4.88 21.70 -11.72
C ASN A 400 4.12 23.00 -11.93
N TRP A 401 3.45 23.43 -10.87
CA TRP A 401 2.54 24.56 -10.89
C TRP A 401 2.76 25.40 -9.65
N LYS A 402 2.43 26.68 -9.77
CA LYS A 402 2.33 27.53 -8.63
C LYS A 402 0.91 27.36 -8.16
N LEU A 403 0.74 26.63 -7.07
CA LEU A 403 -0.57 26.27 -6.57
C LEU A 403 -0.95 27.23 -5.49
N THR A 404 -2.24 27.51 -5.37
CA THR A 404 -2.71 28.46 -4.40
C THR A 404 -3.56 27.71 -3.41
N LYS A 405 -3.34 27.95 -2.12
CA LYS A 405 -4.11 27.28 -1.08
C LYS A 405 -5.40 27.99 -0.76
N LYS A 406 -6.42 27.19 -0.47
CA LYS A 406 -7.60 27.62 0.26
C LYS A 406 -7.22 28.04 1.70
N PRO A 407 -7.58 29.26 2.12
CA PRO A 407 -7.18 29.66 3.48
C PRO A 407 -7.91 28.88 4.60
N ASN A 408 -9.05 28.30 4.23
CA ASN A 408 -10.02 27.68 5.12
C ASN A 408 -10.03 26.10 5.15
N TRP A 409 -8.89 25.46 4.89
N TRP A 409 -9.04 25.49 4.49
CA TRP A 409 -8.79 23.98 4.86
CA TRP A 409 -9.21 24.12 3.96
C TRP A 409 -8.83 23.20 6.22
C TRP A 409 -9.47 23.12 5.06
N ASN A 410 -7.70 23.09 6.93
N ASN A 410 -10.54 22.33 4.92
CA ASN A 410 -7.60 22.29 8.20
CA ASN A 410 -10.91 21.38 5.96
C ASN A 410 -7.36 20.78 8.02
C ASN A 410 -10.43 19.98 5.63
N GLY A 411 -7.89 20.20 6.93
N GLY A 411 -9.20 19.70 6.09
CA GLY A 411 -7.71 18.76 6.58
CA GLY A 411 -8.54 18.40 5.94
C GLY A 411 -8.39 17.61 7.35
C GLY A 411 -8.66 17.47 7.15
N LYS A 412 -9.40 17.90 8.17
CA LYS A 412 -9.87 16.93 9.19
C LYS A 412 -11.08 16.14 8.73
N TYR A 413 -11.06 14.82 8.97
CA TYR A 413 -12.23 13.98 8.71
C TYR A 413 -12.21 12.77 9.64
N ASN A 414 -13.31 12.56 10.35
CA ASN A 414 -13.44 11.39 11.17
C ASN A 414 -14.46 10.45 10.56
N LEU A 415 -13.96 9.35 10.02
CA LEU A 415 -14.80 8.36 9.38
C LEU A 415 -15.67 7.64 10.41
N PRO A 416 -17.01 7.82 10.34
CA PRO A 416 -17.77 7.14 11.38
C PRO A 416 -17.64 5.63 11.18
N TRP A 417 -17.21 4.95 12.21
CA TRP A 417 -17.12 3.49 12.19
C TRP A 417 -17.32 2.94 13.60
N ILE A 418 -17.72 1.66 13.67
CA ILE A 418 -18.00 1.00 14.94
C ILE A 418 -18.22 -0.49 14.65
PA FAD B . -4.76 -0.14 -6.40
O1A FAD B . -4.60 -1.44 -7.19
O2A FAD B . -5.23 -0.35 -4.97
O5B FAD B . -5.76 0.92 -7.10
C5B FAD B . -5.68 1.28 -8.47
C4B FAD B . -7.05 1.66 -8.94
O4B FAD B . -7.14 2.00 -10.33
C3B FAD B . -8.03 0.48 -8.85
O3B FAD B . -8.88 0.31 -7.74
C2B FAD B . -8.47 0.03 -10.24
O2B FAD B . -9.80 -0.41 -10.28
C1B FAD B . -8.32 1.41 -10.89
N9A FAD B . -8.16 1.38 -12.33
C8A FAD B . -7.29 0.63 -13.08
N7A FAD B . -7.48 0.99 -14.39
C5A FAD B . -8.42 1.96 -14.44
C6A FAD B . -9.00 2.71 -15.45
N6A FAD B . -8.70 2.55 -16.73
N1A FAD B . -9.96 3.64 -15.15
C2A FAD B . -10.36 3.85 -13.86
N3A FAD B . -9.79 3.13 -12.87
C4A FAD B . -8.84 2.22 -13.14
N1 FAD B . 2.17 -1.87 1.60
C2 FAD B . 2.51 -1.46 2.87
O2 FAD B . 2.94 -0.32 3.07
N3 FAD B . 2.31 -2.28 3.93
C4 FAD B . 1.85 -3.58 3.75
O4 FAD B . 1.70 -4.35 4.71
C4X FAD B . 1.60 -4.03 2.46
N5 FAD B . 1.36 -5.37 2.24
C5X FAD B . 1.02 -5.80 0.97
C6 FAD B . 0.64 -7.12 0.78
C7 FAD B . 0.23 -7.57 -0.47
C7M FAD B . -0.20 -8.99 -0.67
C8 FAD B . 0.19 -6.69 -1.55
C8M FAD B . -0.22 -7.13 -2.92
C9 FAD B . 0.57 -5.36 -1.37
C9A FAD B . 0.99 -4.89 -0.10
N10 FAD B . 1.42 -3.57 0.11
C10 FAD B . 1.72 -3.15 1.39
C1' FAD B . 1.48 -2.54 -0.99
C2' FAD B . 0.16 -1.78 -1.09
O2' FAD B . -0.97 -2.60 -0.90
C3' FAD B . 0.04 -1.13 -2.45
O3' FAD B . 1.21 -0.38 -2.61
C4' FAD B . -1.11 -0.17 -2.63
O4' FAD B . -2.32 -0.75 -2.15
C5' FAD B . -1.25 0.16 -4.12
O5' FAD B . -2.22 1.15 -4.18
P FAD B . -2.73 1.74 -5.56
O1P FAD B . -3.75 2.80 -5.24
O2P FAD B . -1.64 2.30 -6.45
O3P FAD B . -3.29 0.47 -6.37
NI NI C . 24.04 2.62 1.21
#